data_3SV1
#
_entry.id   3SV1
#
_cell.length_a   151.119
_cell.length_b   52.092
_cell.length_c   121.282
_cell.angle_alpha   90.00
_cell.angle_beta   127.80
_cell.angle_gamma   90.00
#
_symmetry.space_group_name_H-M   'C 1 2 1'
#
loop_
_entity.id
_entity.type
_entity.pdbx_description
1 polymer 'Amyloid beta A4 precursor protein-binding family A member 2'
2 polymer 'Amyloid beta A4 protein'
3 water water
#
loop_
_entity_poly.entity_id
_entity_poly.type
_entity_poly.pdbx_seq_one_letter_code
_entity_poly.pdbx_strand_id
1 'polypeptide(L)'
;GSEDLIDGIIFAANYLGSTQLLSERNPSKNIRMMQAQEAVSRVKRMQKAAKIKKKANSEGDAQTLTEVDLFISTQRIKVL
NADTQETMMDHALRTISYIADIGNIVVLMARRRMPRSASQDCIETTPGAQEGKKQYKMICHVFESEDAQLIAQSIGQAFS
VAYQEFLRANGINPEDLSQKEYSDIINTQE
;
A,B,C
2 'polypeptide(L)' QNGYENPTYKFFEQ D,E,F
#
# COMPACT_ATOMS: atom_id res chain seq x y z
N GLY A 1 35.32 -24.96 -27.04
CA GLY A 1 34.40 -24.57 -28.15
C GLY A 1 33.01 -24.31 -27.60
N SER A 2 32.90 -24.44 -26.28
CA SER A 2 31.65 -24.22 -25.57
C SER A 2 31.96 -24.03 -24.08
N GLU A 3 33.09 -24.59 -23.65
CA GLU A 3 33.57 -24.53 -22.26
C GLU A 3 33.70 -23.08 -21.79
N ASP A 4 33.79 -22.17 -22.76
CA ASP A 4 33.91 -20.74 -22.50
C ASP A 4 33.09 -20.24 -21.30
N LEU A 5 31.77 -20.34 -21.38
CA LEU A 5 30.92 -19.86 -20.32
C LEU A 5 30.45 -20.91 -19.33
N ILE A 6 30.99 -22.13 -19.36
CA ILE A 6 30.56 -23.11 -18.36
C ILE A 6 31.33 -22.68 -17.13
N ASP A 7 32.52 -22.11 -17.36
CA ASP A 7 33.36 -21.63 -16.30
C ASP A 7 32.81 -20.26 -15.99
N GLY A 8 32.51 -19.52 -17.05
CA GLY A 8 31.95 -18.21 -16.89
C GLY A 8 32.82 -17.10 -17.42
N ILE A 9 32.23 -15.92 -17.51
CA ILE A 9 32.91 -14.73 -18.00
C ILE A 9 32.41 -13.57 -17.16
N ILE A 10 33.01 -12.39 -17.34
CA ILE A 10 32.61 -11.21 -16.57
C ILE A 10 32.67 -9.92 -17.40
N PHE A 11 31.56 -9.19 -17.40
CA PHE A 11 31.40 -7.92 -18.13
C PHE A 11 31.24 -6.75 -17.15
N ALA A 12 31.81 -5.60 -17.50
CA ALA A 12 31.68 -4.44 -16.63
C ALA A 12 30.41 -3.72 -17.03
N ALA A 13 29.54 -3.50 -16.06
CA ALA A 13 28.29 -2.84 -16.33
C ALA A 13 28.03 -1.73 -15.32
N ASN A 14 26.78 -1.27 -15.31
CA ASN A 14 26.37 -0.21 -14.42
C ASN A 14 24.95 -0.43 -13.92
N TYR A 15 24.85 -0.81 -12.64
CA TYR A 15 23.56 -1.07 -12.00
C TYR A 15 22.84 0.24 -11.73
N LEU A 16 21.55 0.28 -12.05
CA LEU A 16 20.74 1.49 -11.85
C LEU A 16 19.72 1.28 -10.74
N GLY A 17 19.47 0.02 -10.44
CA GLY A 17 18.51 -0.35 -9.43
C GLY A 17 17.60 -1.43 -10.00
N SER A 18 16.58 -1.81 -9.25
CA SER A 18 15.67 -2.83 -9.73
C SER A 18 14.21 -2.41 -9.70
N THR A 19 13.34 -3.41 -9.86
CA THR A 19 11.92 -3.18 -9.87
C THR A 19 11.20 -4.53 -9.91
N GLN A 20 10.28 -4.72 -8.97
CA GLN A 20 9.53 -5.96 -8.85
C GLN A 20 8.18 -5.88 -9.54
N LEU A 21 7.78 -6.95 -10.22
CA LEU A 21 6.48 -7.00 -10.91
C LEU A 21 5.81 -8.37 -10.90
N LEU A 22 4.64 -8.45 -11.51
CA LEU A 22 3.88 -9.70 -11.55
C LEU A 22 3.77 -10.35 -12.93
N SER A 23 4.06 -11.65 -12.98
CA SER A 23 3.97 -12.40 -14.22
C SER A 23 3.12 -13.64 -13.97
N GLU A 24 2.69 -14.28 -15.05
CA GLU A 24 1.91 -15.50 -14.92
C GLU A 24 2.59 -16.55 -15.79
N ARG A 25 2.55 -17.79 -15.34
CA ARG A 25 3.17 -18.89 -16.06
C ARG A 25 3.08 -18.74 -17.58
N ASN A 26 4.23 -18.74 -18.23
CA ASN A 26 4.35 -18.67 -19.68
C ASN A 26 3.65 -17.51 -20.41
N PRO A 27 4.30 -16.33 -20.45
CA PRO A 27 3.78 -15.13 -21.11
C PRO A 27 4.14 -15.16 -22.60
N SER A 28 5.19 -14.43 -22.99
CA SER A 28 5.63 -14.40 -24.40
C SER A 28 6.78 -13.42 -24.64
N LYS A 29 7.81 -13.87 -25.36
CA LYS A 29 8.98 -13.04 -25.68
C LYS A 29 8.57 -11.68 -26.25
N ASN A 30 7.27 -11.54 -26.50
CA ASN A 30 6.68 -10.31 -27.01
C ASN A 30 6.15 -9.54 -25.81
N ILE A 31 5.33 -10.19 -25.00
CA ILE A 31 4.76 -9.54 -23.83
C ILE A 31 5.82 -9.29 -22.76
N ARG A 32 6.96 -9.98 -22.86
CA ARG A 32 8.03 -9.79 -21.90
C ARG A 32 8.81 -8.51 -22.20
N MET A 33 9.08 -8.27 -23.48
CA MET A 33 9.80 -7.07 -23.85
C MET A 33 8.99 -5.85 -23.43
N MET A 34 7.70 -6.06 -23.18
CA MET A 34 6.84 -4.97 -22.71
C MET A 34 7.18 -4.72 -21.25
N GLN A 35 6.78 -5.66 -20.41
CA GLN A 35 7.03 -5.59 -18.97
C GLN A 35 8.48 -5.16 -18.69
N ALA A 36 9.39 -5.69 -19.49
CA ALA A 36 10.80 -5.37 -19.35
C ALA A 36 10.99 -3.87 -19.56
N GLN A 37 10.31 -3.33 -20.56
CA GLN A 37 10.40 -1.92 -20.89
C GLN A 37 9.80 -1.03 -19.82
N GLU A 38 8.81 -1.55 -19.10
CA GLU A 38 8.18 -0.76 -18.06
C GLU A 38 8.95 -0.96 -16.76
N ALA A 39 9.85 -1.93 -16.76
CA ALA A 39 10.68 -2.21 -15.59
C ALA A 39 11.87 -1.26 -15.65
N VAL A 40 12.18 -0.76 -16.85
CA VAL A 40 13.30 0.16 -17.04
C VAL A 40 12.87 1.59 -16.78
N SER A 41 11.64 1.91 -17.11
CA SER A 41 11.13 3.25 -16.90
C SER A 41 10.95 3.42 -15.40
N ARG A 42 10.53 2.34 -14.75
CA ARG A 42 10.34 2.35 -13.31
C ARG A 42 11.59 2.90 -12.66
N VAL A 43 12.73 2.26 -12.94
CA VAL A 43 13.98 2.69 -12.35
C VAL A 43 14.58 3.95 -12.95
N LYS A 44 14.31 4.23 -14.23
CA LYS A 44 14.87 5.47 -14.80
C LYS A 44 14.20 6.60 -14.02
N ARG A 45 12.87 6.55 -13.95
CA ARG A 45 12.13 7.56 -13.24
C ARG A 45 12.53 7.55 -11.77
N MET A 46 12.88 6.38 -11.25
CA MET A 46 13.29 6.23 -9.84
C MET A 46 14.65 6.89 -9.68
N GLN A 47 15.38 6.96 -10.79
CA GLN A 47 16.71 7.56 -10.78
C GLN A 47 16.64 9.08 -10.85
N LYS A 48 15.80 9.61 -11.74
CA LYS A 48 15.66 11.06 -11.82
C LYS A 48 15.37 11.54 -10.40
N ALA A 49 14.45 10.84 -9.72
CA ALA A 49 14.11 11.18 -8.34
C ALA A 49 15.34 10.99 -7.46
N ALA A 50 16.20 10.05 -7.86
CA ALA A 50 17.42 9.77 -7.13
C ALA A 50 18.38 10.95 -7.24
N LYS A 51 18.59 11.40 -8.49
CA LYS A 51 19.46 12.54 -8.82
C LYS A 51 19.07 13.71 -7.93
N ILE A 52 17.85 14.19 -8.15
CA ILE A 52 17.27 15.28 -7.41
C ILE A 52 17.57 15.17 -5.91
N LYS A 53 17.48 13.95 -5.39
CA LYS A 53 17.74 13.69 -3.98
C LYS A 53 19.16 14.08 -3.65
N LYS A 54 19.99 14.16 -4.69
CA LYS A 54 21.40 14.54 -4.54
C LYS A 54 21.61 16.05 -4.54
N LYS A 55 20.67 16.80 -5.12
CA LYS A 55 20.76 18.25 -5.14
C LYS A 55 20.94 18.75 -3.71
N ALA A 56 20.20 18.14 -2.79
CA ALA A 56 20.27 18.50 -1.37
C ALA A 56 21.59 18.02 -0.75
N ASN A 57 22.65 18.03 -1.55
CA ASN A 57 23.97 17.61 -1.09
C ASN A 57 24.83 18.83 -0.83
N GLN A 63 27.15 9.24 -10.56
CA GLN A 63 27.00 9.73 -9.20
C GLN A 63 26.00 8.85 -8.47
N THR A 64 24.83 8.69 -9.07
CA THR A 64 23.72 7.91 -8.51
C THR A 64 23.66 6.43 -8.92
N LEU A 65 24.33 6.05 -10.01
CA LEU A 65 24.34 4.65 -10.47
C LEU A 65 25.44 3.93 -9.69
N THR A 66 25.76 2.70 -10.08
CA THR A 66 26.83 1.94 -9.42
C THR A 66 27.54 1.00 -10.40
N GLU A 67 28.87 0.91 -10.30
CA GLU A 67 29.64 0.08 -11.21
C GLU A 67 29.71 -1.36 -10.75
N VAL A 68 29.32 -2.27 -11.63
CA VAL A 68 29.32 -3.68 -11.29
C VAL A 68 29.97 -4.54 -12.32
N ASP A 69 30.25 -5.76 -11.92
CA ASP A 69 30.82 -6.74 -12.80
C ASP A 69 29.71 -7.75 -12.96
N LEU A 70 29.65 -8.39 -14.11
CA LEU A 70 28.64 -9.38 -14.35
C LEU A 70 29.28 -10.73 -14.57
N PHE A 71 29.08 -11.66 -13.64
CA PHE A 71 29.62 -13.01 -13.77
C PHE A 71 28.53 -13.83 -14.51
N ILE A 72 28.88 -14.39 -15.66
CA ILE A 72 27.91 -15.16 -16.43
C ILE A 72 28.34 -16.62 -16.64
N SER A 73 27.42 -17.55 -16.39
CA SER A 73 27.71 -18.97 -16.55
C SER A 73 26.46 -19.82 -16.78
N THR A 74 26.70 -21.11 -16.96
CA THR A 74 25.65 -22.08 -17.19
C THR A 74 25.04 -22.42 -15.84
N GLN A 75 25.70 -21.94 -14.79
CA GLN A 75 25.26 -22.18 -13.42
C GLN A 75 24.45 -21.03 -12.88
N ARG A 76 25.05 -19.86 -12.83
CA ARG A 76 24.35 -18.68 -12.33
C ARG A 76 24.71 -17.42 -13.10
N ILE A 77 24.25 -16.30 -12.57
CA ILE A 77 24.50 -14.98 -13.13
C ILE A 77 24.45 -14.08 -11.90
N LYS A 78 25.61 -13.65 -11.42
CA LYS A 78 25.63 -12.82 -10.22
C LYS A 78 26.37 -11.49 -10.37
N VAL A 79 25.81 -10.47 -9.73
CA VAL A 79 26.36 -9.13 -9.78
C VAL A 79 27.21 -8.86 -8.57
N LEU A 80 28.32 -8.16 -8.81
CA LEU A 80 29.22 -7.83 -7.74
C LEU A 80 29.69 -6.38 -7.81
N ASN A 81 30.19 -5.92 -6.67
CA ASN A 81 30.71 -4.56 -6.50
C ASN A 81 31.97 -4.32 -7.32
N ALA A 82 31.88 -3.49 -8.36
CA ALA A 82 33.06 -3.21 -9.17
C ALA A 82 34.21 -2.76 -8.26
N ASP A 83 33.88 -2.35 -7.04
CA ASP A 83 34.87 -1.90 -6.07
C ASP A 83 35.12 -2.85 -4.90
N THR A 84 34.09 -3.10 -4.08
CA THR A 84 34.28 -4.00 -2.94
C THR A 84 34.33 -5.45 -3.37
N GLN A 85 33.87 -5.72 -4.60
CA GLN A 85 33.85 -7.07 -5.15
C GLN A 85 32.91 -7.90 -4.30
N GLU A 86 32.02 -7.22 -3.59
CA GLU A 86 31.07 -7.91 -2.76
C GLU A 86 29.83 -8.21 -3.59
N THR A 87 29.32 -9.43 -3.41
CA THR A 87 28.14 -9.90 -4.13
C THR A 87 26.97 -8.97 -3.82
N MET A 88 26.22 -8.57 -4.85
CA MET A 88 25.09 -7.69 -4.62
C MET A 88 23.82 -8.48 -4.88
N MET A 89 23.97 -9.60 -5.56
CA MET A 89 22.86 -10.50 -5.90
C MET A 89 23.40 -11.72 -6.62
N ASP A 90 22.74 -12.86 -6.43
CA ASP A 90 23.17 -14.09 -7.08
C ASP A 90 21.97 -14.99 -7.38
N HIS A 91 21.73 -15.19 -8.67
CA HIS A 91 20.61 -16.02 -9.11
C HIS A 91 21.14 -17.24 -9.85
N ALA A 92 20.66 -18.42 -9.50
CA ALA A 92 21.11 -19.61 -10.22
C ALA A 92 20.46 -19.43 -11.58
N LEU A 93 21.22 -19.68 -12.65
CA LEU A 93 20.71 -19.49 -14.02
C LEU A 93 19.27 -19.93 -14.28
N ARG A 94 18.88 -21.10 -13.78
CA ARG A 94 17.52 -21.58 -14.00
C ARG A 94 16.46 -20.60 -13.52
N THR A 95 16.74 -19.89 -12.43
CA THR A 95 15.78 -18.94 -11.88
C THR A 95 15.69 -17.68 -12.73
N ILE A 96 16.55 -17.57 -13.73
CA ILE A 96 16.56 -16.42 -14.63
C ILE A 96 15.76 -16.86 -15.82
N SER A 97 14.76 -16.06 -16.19
CA SER A 97 13.88 -16.43 -17.29
C SER A 97 14.01 -15.65 -18.59
N TYR A 98 14.46 -14.41 -18.51
CA TYR A 98 14.52 -13.57 -19.69
C TYR A 98 15.45 -12.37 -19.51
N ILE A 99 16.16 -11.99 -20.57
CA ILE A 99 17.03 -10.81 -20.52
C ILE A 99 16.80 -10.09 -21.85
N ALA A 100 17.21 -8.82 -21.93
CA ALA A 100 17.05 -8.03 -23.14
C ALA A 100 18.11 -6.94 -23.17
N ASP A 101 18.48 -6.53 -24.38
CA ASP A 101 19.51 -5.50 -24.53
C ASP A 101 19.14 -4.33 -25.42
N ILE A 102 17.98 -3.73 -25.19
CA ILE A 102 17.60 -2.58 -26.00
C ILE A 102 18.49 -1.38 -25.62
N GLY A 103 19.38 -0.99 -26.53
CA GLY A 103 20.28 0.11 -26.23
C GLY A 103 21.29 -0.36 -25.19
N ASN A 104 22.18 0.52 -24.73
CA ASN A 104 23.14 0.10 -23.73
C ASN A 104 22.48 0.00 -22.34
N ILE A 105 21.38 -0.74 -22.31
CA ILE A 105 20.59 -0.97 -21.10
C ILE A 105 20.24 -2.43 -21.06
N VAL A 106 20.82 -3.17 -20.12
CA VAL A 106 20.49 -4.59 -20.04
C VAL A 106 19.57 -4.89 -18.87
N VAL A 107 18.50 -5.62 -19.15
CA VAL A 107 17.59 -5.96 -18.08
C VAL A 107 17.31 -7.46 -18.07
N LEU A 108 17.41 -8.05 -16.89
CA LEU A 108 17.12 -9.47 -16.75
C LEU A 108 16.21 -9.65 -15.56
N MET A 109 15.37 -10.67 -15.64
CA MET A 109 14.42 -10.97 -14.60
C MET A 109 14.43 -12.42 -14.20
N ALA A 110 14.57 -12.65 -12.90
CA ALA A 110 14.57 -13.99 -12.35
C ALA A 110 13.45 -14.12 -11.32
N ARG A 111 13.19 -15.36 -10.90
CA ARG A 111 12.14 -15.65 -9.93
C ARG A 111 12.55 -15.22 -8.53
N ARG A 112 11.83 -14.26 -7.97
CA ARG A 112 12.16 -13.78 -6.64
C ARG A 112 11.67 -14.80 -5.61
N ARG A 113 12.61 -15.53 -5.02
CA ARG A 113 12.29 -16.55 -4.02
C ARG A 113 12.62 -16.06 -2.61
N TYR A 136 5.12 -16.25 -9.42
CA TYR A 136 4.32 -15.16 -9.96
C TYR A 136 4.89 -13.78 -9.62
N LYS A 137 5.87 -13.73 -8.74
CA LYS A 137 6.50 -12.47 -8.37
C LYS A 137 7.95 -12.38 -8.87
N MET A 138 8.14 -11.73 -10.01
CA MET A 138 9.47 -11.58 -10.64
C MET A 138 10.21 -10.35 -10.14
N ILE A 139 11.52 -10.31 -10.34
CA ILE A 139 12.29 -9.12 -9.97
C ILE A 139 13.18 -8.80 -11.17
N CYS A 140 13.12 -7.54 -11.63
CA CYS A 140 13.89 -7.13 -12.78
C CYS A 140 15.04 -6.20 -12.47
N HIS A 141 16.24 -6.64 -12.81
CA HIS A 141 17.43 -5.84 -12.56
C HIS A 141 17.73 -5.04 -13.81
N VAL A 142 18.10 -3.78 -13.59
CA VAL A 142 18.44 -2.85 -14.66
C VAL A 142 19.87 -2.30 -14.59
N PHE A 143 20.65 -2.63 -15.61
CA PHE A 143 22.04 -2.19 -15.71
C PHE A 143 22.21 -1.40 -17.00
N GLU A 144 23.37 -0.78 -17.12
CA GLU A 144 23.71 0.04 -18.27
C GLU A 144 25.12 -0.34 -18.73
N SER A 145 25.28 -0.67 -20.00
CA SER A 145 26.60 -1.04 -20.50
C SER A 145 26.78 -0.86 -22.00
N GLU A 146 27.87 -0.21 -22.38
CA GLU A 146 28.18 0.03 -23.78
C GLU A 146 28.41 -1.28 -24.51
N ASP A 147 28.17 -2.37 -23.78
CA ASP A 147 28.31 -3.72 -24.29
C ASP A 147 27.01 -4.43 -24.00
N ALA A 148 25.99 -3.66 -23.66
CA ALA A 148 24.69 -4.24 -23.37
C ALA A 148 24.48 -5.31 -24.41
N GLN A 149 24.71 -4.91 -25.66
CA GLN A 149 24.56 -5.78 -26.81
C GLN A 149 25.17 -7.15 -26.57
N LEU A 150 26.51 -7.15 -26.55
CA LEU A 150 27.30 -8.36 -26.34
C LEU A 150 26.84 -9.09 -25.10
N ILE A 151 26.60 -8.32 -24.04
CA ILE A 151 26.16 -8.85 -22.74
C ILE A 151 24.91 -9.73 -22.78
N ALA A 152 23.84 -9.27 -23.43
CA ALA A 152 22.63 -10.08 -23.51
C ALA A 152 22.93 -11.36 -24.28
N GLN A 153 23.58 -11.22 -25.43
CA GLN A 153 23.92 -12.37 -26.26
C GLN A 153 24.50 -13.51 -25.44
N SER A 154 25.50 -13.19 -24.62
CA SER A 154 26.18 -14.20 -23.79
C SER A 154 25.18 -14.95 -22.90
N ILE A 155 24.47 -14.19 -22.07
CA ILE A 155 23.47 -14.76 -21.18
C ILE A 155 22.68 -15.75 -22.02
N GLY A 156 22.34 -15.30 -23.23
CA GLY A 156 21.59 -16.15 -24.15
C GLY A 156 22.25 -17.51 -24.34
N GLN A 157 23.50 -17.51 -24.78
CA GLN A 157 24.19 -18.77 -24.98
C GLN A 157 24.17 -19.61 -23.71
N ALA A 158 24.46 -18.98 -22.57
CA ALA A 158 24.44 -19.66 -21.29
C ALA A 158 23.10 -20.38 -21.18
N PHE A 159 22.04 -19.62 -21.41
CA PHE A 159 20.68 -20.13 -21.35
C PHE A 159 20.52 -21.50 -21.97
N SER A 160 21.02 -21.63 -23.19
CA SER A 160 20.96 -22.88 -23.96
C SER A 160 22.07 -23.81 -23.53
N VAL A 161 23.31 -23.32 -23.53
CA VAL A 161 24.42 -24.15 -23.10
C VAL A 161 23.97 -24.78 -21.79
N ALA A 162 23.52 -23.94 -20.87
CA ALA A 162 23.02 -24.41 -19.59
C ALA A 162 21.86 -25.32 -19.89
N TYR A 163 20.93 -24.83 -20.71
CA TYR A 163 19.75 -25.60 -21.10
C TYR A 163 20.10 -26.98 -21.63
N GLN A 164 20.93 -27.02 -22.67
CA GLN A 164 21.39 -28.27 -23.28
C GLN A 164 21.94 -29.22 -22.20
N GLU A 165 22.81 -28.72 -21.31
CA GLU A 165 23.32 -29.57 -20.24
C GLU A 165 22.10 -29.97 -19.43
N PHE A 166 21.36 -28.95 -18.98
CA PHE A 166 20.13 -29.15 -18.22
C PHE A 166 19.17 -29.89 -19.16
N LEU A 167 19.75 -30.68 -20.06
CA LEU A 167 19.02 -31.43 -21.07
C LEU A 167 19.69 -32.80 -21.33
N ARG A 168 21.01 -32.79 -21.48
CA ARG A 168 21.75 -34.03 -21.72
C ARG A 168 21.65 -34.93 -20.49
N ALA A 169 21.80 -34.32 -19.32
CA ALA A 169 21.72 -35.03 -18.06
C ALA A 169 20.37 -35.71 -17.88
N ASN A 170 19.39 -35.35 -18.69
CA ASN A 170 18.09 -35.96 -18.57
C ASN A 170 17.95 -37.09 -19.55
N GLY A 171 19.08 -37.59 -20.02
CA GLY A 171 19.04 -38.67 -20.98
C GLY A 171 18.86 -38.19 -22.41
N ILE A 172 18.69 -36.89 -22.61
CA ILE A 172 18.56 -36.40 -23.95
C ILE A 172 19.98 -36.25 -24.47
N ASN A 173 20.86 -37.19 -24.08
CA ASN A 173 22.26 -37.20 -24.52
C ASN A 173 22.15 -36.85 -25.98
N PRO A 174 21.06 -37.31 -26.62
CA PRO A 174 20.91 -36.96 -28.02
C PRO A 174 20.42 -35.48 -28.08
N GLU A 175 21.09 -34.58 -27.36
CA GLU A 175 20.73 -33.16 -27.39
C GLU A 175 21.27 -32.72 -28.74
N ASP A 176 22.45 -33.23 -29.05
CA ASP A 176 23.11 -32.96 -30.31
C ASP A 176 22.16 -33.58 -31.35
N LEU A 177 21.76 -34.81 -31.07
CA LEU A 177 20.87 -35.57 -31.94
C LEU A 177 19.48 -34.97 -32.03
N SER A 178 18.94 -34.57 -30.89
CA SER A 178 17.60 -33.99 -30.83
C SER A 178 17.37 -32.78 -31.73
N GLN A 179 18.43 -32.24 -32.32
CA GLN A 179 18.30 -31.10 -33.25
C GLN A 179 18.43 -31.68 -34.66
N LYS A 180 19.02 -32.87 -34.74
CA LYS A 180 19.19 -33.61 -35.99
C LYS A 180 17.97 -34.53 -35.91
N GLU A 181 16.96 -34.03 -35.21
CA GLU A 181 15.70 -34.72 -34.98
C GLU A 181 14.53 -33.74 -35.04
N TYR A 182 14.70 -32.59 -34.39
CA TYR A 182 13.66 -31.57 -34.39
C TYR A 182 13.55 -30.96 -35.78
N SER A 183 14.42 -31.41 -36.68
CA SER A 183 14.44 -30.94 -38.06
C SER A 183 13.77 -31.99 -38.93
N ASP A 184 14.31 -33.20 -38.87
CA ASP A 184 13.79 -34.33 -39.63
C ASP A 184 12.44 -34.75 -39.06
N ILE A 185 11.91 -33.92 -38.17
CA ILE A 185 10.62 -34.15 -37.54
C ILE A 185 9.73 -32.96 -37.92
N ILE A 186 10.25 -32.13 -38.82
CA ILE A 186 9.55 -30.95 -39.32
C ILE A 186 9.37 -30.99 -40.83
N ASN A 187 10.40 -31.40 -41.56
CA ASN A 187 10.28 -31.51 -43.01
C ASN A 187 9.47 -32.78 -43.28
N THR A 188 9.75 -33.81 -42.50
CA THR A 188 9.05 -35.09 -42.60
C THR A 188 7.68 -34.91 -41.96
N GLN A 189 7.28 -33.65 -41.81
CA GLN A 189 5.99 -33.28 -41.25
C GLN A 189 5.24 -32.50 -42.31
N GLU A 190 5.52 -32.82 -43.57
CA GLU A 190 4.88 -32.17 -44.70
C GLU A 190 4.30 -33.22 -45.64
N GLY B 1 15.82 22.86 -17.53
CA GLY B 1 14.79 23.45 -16.63
C GLY B 1 14.01 22.37 -15.92
N SER B 2 12.89 22.76 -15.31
CA SER B 2 12.04 21.81 -14.58
C SER B 2 11.21 20.97 -15.56
N GLU B 3 11.91 20.32 -16.49
CA GLU B 3 11.27 19.47 -17.50
C GLU B 3 11.30 18.02 -17.04
N ASP B 4 11.76 17.80 -15.81
CA ASP B 4 11.85 16.45 -15.24
C ASP B 4 10.45 15.85 -15.17
N LEU B 5 9.60 16.49 -14.37
CA LEU B 5 8.23 16.06 -14.15
C LEU B 5 7.47 15.71 -15.42
N ILE B 6 7.99 16.12 -16.58
CA ILE B 6 7.34 15.83 -17.85
C ILE B 6 7.25 14.32 -18.08
N ASP B 7 8.39 13.61 -17.95
CA ASP B 7 8.41 12.16 -18.10
C ASP B 7 7.94 11.54 -16.77
N GLY B 8 8.34 12.18 -15.68
CA GLY B 8 7.94 11.73 -14.37
C GLY B 8 9.04 11.13 -13.52
N ILE B 9 8.98 11.41 -12.23
CA ILE B 9 9.94 10.88 -11.28
C ILE B 9 9.18 9.93 -10.34
N ILE B 10 9.92 9.25 -9.47
CA ILE B 10 9.30 8.33 -8.54
C ILE B 10 10.05 8.19 -7.23
N PHE B 11 9.46 8.75 -6.18
CA PHE B 11 10.02 8.65 -4.85
C PHE B 11 9.33 7.44 -4.29
N ALA B 12 9.82 6.95 -3.17
CA ALA B 12 9.17 5.81 -2.56
C ALA B 12 8.74 6.19 -1.16
N ALA B 13 7.54 5.76 -0.79
CA ALA B 13 7.00 6.07 0.52
C ALA B 13 6.25 4.88 1.06
N ASN B 14 5.67 5.07 2.24
CA ASN B 14 4.89 4.06 2.95
C ASN B 14 3.43 4.47 2.98
N TYR B 15 2.57 3.75 2.27
CA TYR B 15 1.16 4.11 2.30
C TYR B 15 0.51 3.62 3.60
N LEU B 16 0.17 4.56 4.49
CA LEU B 16 -0.48 4.21 5.77
C LEU B 16 -1.97 4.02 5.60
N GLY B 17 -2.60 4.93 4.87
CA GLY B 17 -4.02 4.84 4.63
C GLY B 17 -4.60 6.14 4.11
N SER B 18 -5.93 6.21 4.04
CA SER B 18 -6.57 7.42 3.55
C SER B 18 -7.71 7.86 4.47
N THR B 19 -8.62 8.68 3.93
CA THR B 19 -9.75 9.16 4.71
C THR B 19 -10.49 10.24 3.94
N GLN B 20 -11.81 10.10 3.83
CA GLN B 20 -12.60 11.09 3.10
C GLN B 20 -13.14 12.11 4.06
N LEU B 21 -13.35 13.32 3.55
CA LEU B 21 -13.90 14.41 4.35
C LEU B 21 -14.67 15.42 3.51
N LEU B 22 -15.40 16.29 4.20
CA LEU B 22 -16.22 17.33 3.58
C LEU B 22 -15.52 18.67 3.42
N SER B 23 -15.38 19.10 2.17
CA SER B 23 -14.71 20.35 1.84
C SER B 23 -15.59 21.34 1.09
N GLU B 24 -15.20 22.60 1.17
CA GLU B 24 -15.92 23.71 0.53
C GLU B 24 -15.64 23.80 -0.97
N ARG B 25 -15.37 25.01 -1.45
CA ARG B 25 -15.05 25.23 -2.86
C ARG B 25 -13.54 25.33 -3.00
N ASN B 26 -12.92 25.98 -2.02
CA ASN B 26 -11.47 26.16 -1.96
C ASN B 26 -11.15 27.09 -0.79
N PRO B 27 -11.17 26.54 0.44
CA PRO B 27 -10.87 27.31 1.65
C PRO B 27 -9.46 27.84 1.80
N SER B 28 -9.17 28.32 3.01
CA SER B 28 -7.89 28.90 3.37
C SER B 28 -6.88 27.85 3.77
N LYS B 29 -5.60 28.13 3.55
CA LYS B 29 -4.54 27.20 3.94
C LYS B 29 -4.54 27.03 5.46
N ASN B 30 -5.34 27.85 6.15
CA ASN B 30 -5.46 27.77 7.60
C ASN B 30 -6.31 26.54 7.90
N ILE B 31 -7.08 26.12 6.88
CA ILE B 31 -7.95 24.96 6.99
C ILE B 31 -7.50 23.80 6.08
N ARG B 32 -7.05 24.09 4.86
CA ARG B 32 -6.58 23.01 3.99
C ARG B 32 -5.55 22.28 4.83
N MET B 33 -4.88 23.04 5.68
CA MET B 33 -3.85 22.49 6.57
C MET B 33 -4.59 21.76 7.69
N MET B 34 -5.60 22.42 8.22
CA MET B 34 -6.41 21.85 9.29
C MET B 34 -6.85 20.45 8.85
N GLN B 35 -7.54 20.37 7.72
CA GLN B 35 -8.02 19.11 7.16
C GLN B 35 -6.89 18.09 7.14
N ALA B 36 -5.84 18.38 6.37
CA ALA B 36 -4.68 17.49 6.30
C ALA B 36 -4.29 17.04 7.71
N GLN B 37 -3.92 17.98 8.57
CA GLN B 37 -3.52 17.71 9.95
C GLN B 37 -4.38 16.67 10.66
N GLU B 38 -5.65 16.57 10.25
CA GLU B 38 -6.58 15.62 10.86
C GLU B 38 -6.62 14.31 10.09
N ALA B 39 -7.00 14.42 8.82
CA ALA B 39 -7.09 13.28 7.90
C ALA B 39 -5.97 12.30 8.22
N VAL B 40 -4.82 12.85 8.62
CA VAL B 40 -3.70 12.02 8.98
C VAL B 40 -4.08 11.25 10.24
N SER B 41 -4.43 11.97 11.31
CA SER B 41 -4.81 11.35 12.59
C SER B 41 -5.94 10.34 12.43
N ARG B 42 -6.81 10.59 11.46
CA ARG B 42 -7.88 9.66 11.18
C ARG B 42 -7.09 8.38 10.89
N VAL B 43 -6.30 8.41 9.82
CA VAL B 43 -5.47 7.27 9.38
C VAL B 43 -4.53 6.73 10.44
N LYS B 44 -3.71 7.61 11.03
CA LYS B 44 -2.77 7.16 12.05
C LYS B 44 -3.50 6.48 13.20
N ARG B 45 -4.62 7.06 13.62
CA ARG B 45 -5.38 6.43 14.70
C ARG B 45 -6.01 5.15 14.17
N MET B 46 -6.50 5.20 12.92
CA MET B 46 -7.10 4.04 12.25
C MET B 46 -6.05 2.95 12.20
N GLN B 47 -4.78 3.36 12.25
CA GLN B 47 -3.67 2.41 12.20
C GLN B 47 -3.28 1.84 13.55
N LYS B 48 -3.38 2.62 14.62
CA LYS B 48 -3.04 2.08 15.95
C LYS B 48 -3.96 0.89 16.17
N ALA B 49 -5.21 1.06 15.75
CA ALA B 49 -6.19 -0.01 15.87
C ALA B 49 -5.81 -1.14 14.91
N ALA B 50 -5.16 -0.78 13.81
CA ALA B 50 -4.73 -1.77 12.84
C ALA B 50 -3.71 -2.73 13.48
N LYS B 51 -2.59 -2.16 13.91
CA LYS B 51 -1.52 -2.93 14.55
C LYS B 51 -2.07 -3.85 15.62
N ILE B 52 -3.03 -3.33 16.37
CA ILE B 52 -3.65 -4.09 17.43
C ILE B 52 -4.46 -5.30 16.94
N LYS B 53 -5.02 -5.23 15.74
CA LYS B 53 -5.79 -6.36 15.21
C LYS B 53 -4.88 -7.42 14.61
N LYS B 54 -3.58 -7.23 14.78
CA LYS B 54 -2.60 -8.20 14.30
C LYS B 54 -1.87 -8.69 15.53
N LYS B 55 -2.33 -8.21 16.69
CA LYS B 55 -1.80 -8.61 17.98
C LYS B 55 -2.44 -9.97 18.19
N ALA B 56 -3.56 -10.18 17.50
CA ALA B 56 -4.27 -11.45 17.55
C ALA B 56 -3.70 -12.26 16.39
N ASN B 57 -2.38 -12.22 16.29
CA ASN B 57 -1.63 -12.90 15.24
C ASN B 57 -0.24 -13.24 15.76
N GLN B 63 3.51 -5.58 10.18
CA GLN B 63 3.39 -4.26 9.59
C GLN B 63 2.02 -4.07 8.96
N THR B 64 1.46 -2.88 9.12
CA THR B 64 0.13 -2.57 8.59
C THR B 64 0.20 -1.47 7.52
N LEU B 65 1.41 -1.09 7.14
CA LEU B 65 1.63 -0.06 6.12
C LEU B 65 2.19 -0.79 4.90
N THR B 66 2.07 -0.19 3.72
CA THR B 66 2.61 -0.84 2.52
C THR B 66 3.54 0.06 1.70
N GLU B 67 4.58 -0.55 1.12
CA GLU B 67 5.57 0.16 0.31
C GLU B 67 5.02 0.57 -1.05
N VAL B 68 5.27 1.81 -1.44
CA VAL B 68 4.75 2.28 -2.70
C VAL B 68 5.60 3.29 -3.48
N ASP B 69 5.34 3.30 -4.78
CA ASP B 69 5.98 4.18 -5.74
C ASP B 69 5.07 5.39 -5.86
N LEU B 70 5.65 6.56 -6.04
CA LEU B 70 4.85 7.77 -6.19
C LEU B 70 5.26 8.44 -7.48
N PHE B 71 4.44 8.24 -8.50
CA PHE B 71 4.71 8.81 -9.81
C PHE B 71 4.23 10.25 -9.92
N ILE B 72 5.11 11.18 -9.56
CA ILE B 72 4.82 12.60 -9.64
C ILE B 72 5.04 13.00 -11.09
N SER B 73 4.17 13.86 -11.61
CA SER B 73 4.30 14.32 -12.99
C SER B 73 3.36 15.48 -13.25
N THR B 74 3.49 16.08 -14.42
CA THR B 74 2.64 17.20 -14.78
C THR B 74 1.41 16.76 -15.58
N GLN B 75 0.95 15.54 -15.33
CA GLN B 75 -0.24 15.01 -16.00
C GLN B 75 -1.14 14.34 -14.96
N ARG B 76 -0.52 13.53 -14.10
CA ARG B 76 -1.22 12.81 -13.05
C ARG B 76 -0.31 12.62 -11.84
N ILE B 77 -0.61 11.59 -11.06
CA ILE B 77 0.17 11.23 -9.87
C ILE B 77 -0.28 9.82 -9.50
N LYS B 78 0.33 8.80 -10.08
CA LYS B 78 -0.04 7.43 -9.77
C LYS B 78 0.64 6.95 -8.49
N VAL B 79 0.11 5.88 -7.93
CA VAL B 79 0.66 5.24 -6.74
C VAL B 79 0.61 3.77 -7.08
N LEU B 80 1.79 3.21 -7.33
CA LEU B 80 1.88 1.80 -7.66
C LEU B 80 2.44 1.05 -6.46
N ASN B 81 2.13 -0.23 -6.39
CA ASN B 81 2.63 -1.05 -5.29
C ASN B 81 4.11 -1.28 -5.50
N ALA B 82 4.94 -0.98 -4.49
CA ALA B 82 6.38 -1.18 -4.62
C ALA B 82 6.80 -2.65 -4.78
N ASP B 83 5.87 -3.58 -4.54
CA ASP B 83 6.17 -5.01 -4.65
C ASP B 83 5.56 -5.70 -5.87
N THR B 84 4.72 -4.99 -6.62
CA THR B 84 4.07 -5.56 -7.80
C THR B 84 3.76 -4.58 -8.94
N GLN B 85 4.02 -3.29 -8.71
CA GLN B 85 3.76 -2.27 -9.72
C GLN B 85 2.30 -2.21 -10.15
N GLU B 86 1.43 -2.75 -9.31
CA GLU B 86 0.00 -2.71 -9.60
C GLU B 86 -0.48 -1.36 -9.09
N THR B 87 -1.31 -0.71 -9.91
CA THR B 87 -1.85 0.59 -9.55
C THR B 87 -2.78 0.43 -8.36
N MET B 88 -2.85 1.46 -7.54
CA MET B 88 -3.72 1.46 -6.37
C MET B 88 -4.49 2.78 -6.50
N MET B 89 -3.78 3.79 -6.97
CA MET B 89 -4.34 5.11 -7.17
C MET B 89 -3.82 5.64 -8.50
N ASP B 90 -4.71 6.30 -9.26
CA ASP B 90 -4.38 6.88 -10.56
C ASP B 90 -5.26 8.13 -10.75
N HIS B 91 -4.85 9.25 -10.15
CA HIS B 91 -5.62 10.48 -10.26
C HIS B 91 -4.99 11.58 -11.10
N ALA B 92 -5.74 12.05 -12.10
CA ALA B 92 -5.28 13.12 -12.98
C ALA B 92 -4.77 14.26 -12.11
N LEU B 93 -3.66 14.88 -12.51
CA LEU B 93 -3.05 15.94 -11.74
C LEU B 93 -3.98 17.09 -11.36
N ARG B 94 -4.88 17.44 -12.27
CA ARG B 94 -5.82 18.53 -12.01
C ARG B 94 -6.73 18.28 -10.80
N THR B 95 -6.89 17.01 -10.42
CA THR B 95 -7.75 16.64 -9.29
C THR B 95 -7.08 16.97 -7.96
N ILE B 96 -5.81 16.58 -7.82
CA ILE B 96 -5.07 16.85 -6.59
C ILE B 96 -5.18 18.36 -6.40
N SER B 97 -5.20 18.79 -5.14
CA SER B 97 -5.34 20.20 -4.86
C SER B 97 -4.70 20.61 -3.55
N TYR B 98 -3.61 19.96 -3.17
CA TYR B 98 -2.94 20.30 -1.93
C TYR B 98 -2.00 19.17 -1.51
N ILE B 99 -0.92 19.52 -0.82
CA ILE B 99 0.05 18.53 -0.35
C ILE B 99 0.64 18.93 1.00
N ALA B 100 1.32 18.00 1.68
CA ALA B 100 1.85 18.30 3.01
C ALA B 100 3.28 17.86 3.36
N ASP B 101 4.25 18.75 3.16
CA ASP B 101 5.62 18.43 3.51
C ASP B 101 5.77 18.62 5.01
N ILE B 102 5.06 17.79 5.77
CA ILE B 102 5.09 17.88 7.22
C ILE B 102 5.61 16.59 7.85
N GLY B 103 6.43 16.72 8.89
CA GLY B 103 7.01 15.55 9.54
C GLY B 103 7.55 14.59 8.50
N ASN B 104 7.73 13.32 8.84
CA ASN B 104 8.20 12.38 7.83
C ASN B 104 6.97 11.87 7.09
N ILE B 105 5.87 12.63 7.19
CA ILE B 105 4.60 12.29 6.55
C ILE B 105 4.33 13.11 5.29
N VAL B 106 3.46 12.59 4.45
CA VAL B 106 3.10 13.22 3.19
C VAL B 106 1.61 13.04 2.89
N VAL B 107 0.81 14.04 3.21
CA VAL B 107 -0.63 13.99 2.99
C VAL B 107 -1.05 14.63 1.67
N LEU B 108 -1.54 13.82 0.73
CA LEU B 108 -2.00 14.28 -0.57
C LEU B 108 -3.51 14.28 -0.44
N MET B 109 -4.23 14.89 -1.38
CA MET B 109 -5.70 14.88 -1.32
C MET B 109 -6.40 15.51 -2.52
N ALA B 110 -7.03 14.66 -3.33
CA ALA B 110 -7.74 15.09 -4.53
C ALA B 110 -9.24 14.83 -4.46
N ARG B 111 -10.00 15.61 -5.22
CA ARG B 111 -11.46 15.47 -5.25
C ARG B 111 -11.88 14.10 -5.75
N ARG B 112 -12.87 13.51 -5.10
CA ARG B 112 -13.36 12.20 -5.48
C ARG B 112 -13.90 12.24 -6.90
N LYS B 134 -20.78 22.46 2.13
CA LYS B 134 -19.72 21.53 1.73
C LYS B 134 -19.97 21.02 0.31
N GLN B 135 -20.58 19.83 0.22
CA GLN B 135 -20.90 19.20 -1.07
C GLN B 135 -19.70 18.84 -1.94
N TYR B 136 -18.56 18.54 -1.30
CA TYR B 136 -17.34 18.15 -1.99
C TYR B 136 -16.58 17.12 -1.14
N LYS B 137 -16.49 15.87 -1.64
CA LYS B 137 -15.78 14.81 -0.92
C LYS B 137 -14.33 14.71 -1.37
N MET B 138 -13.44 15.10 -0.46
CA MET B 138 -12.00 15.08 -0.72
C MET B 138 -11.25 14.00 0.08
N ILE B 139 -10.75 12.99 -0.63
CA ILE B 139 -10.03 11.88 -0.01
C ILE B 139 -8.54 12.19 0.17
N CYS B 140 -8.08 12.18 1.40
CA CYS B 140 -6.68 12.45 1.73
C CYS B 140 -5.83 11.19 1.84
N HIS B 141 -4.91 10.98 0.91
CA HIS B 141 -4.02 9.82 0.97
C HIS B 141 -2.85 10.15 1.86
N VAL B 142 -2.62 9.32 2.87
CA VAL B 142 -1.51 9.57 3.80
C VAL B 142 -0.36 8.60 3.54
N PHE B 143 0.86 9.13 3.61
CA PHE B 143 2.06 8.34 3.38
C PHE B 143 3.09 8.62 4.46
N GLU B 144 4.28 8.06 4.26
CA GLU B 144 5.40 8.24 5.16
C GLU B 144 6.67 8.04 4.33
N SER B 145 7.64 8.93 4.51
CA SER B 145 8.87 8.85 3.75
C SER B 145 9.92 9.79 4.29
N GLU B 146 11.18 9.52 3.96
CA GLU B 146 12.31 10.32 4.40
C GLU B 146 12.43 11.55 3.50
N ASP B 147 11.93 11.38 2.28
CA ASP B 147 11.92 12.44 1.27
C ASP B 147 10.62 13.21 1.45
N ALA B 148 10.05 13.14 2.64
CA ALA B 148 8.80 13.82 2.94
C ALA B 148 8.80 15.24 2.35
N GLN B 149 9.81 15.99 2.76
CA GLN B 149 9.97 17.37 2.31
C GLN B 149 10.00 17.38 0.79
N LEU B 150 10.95 16.64 0.26
CA LEU B 150 11.18 16.51 -1.18
C LEU B 150 9.99 16.09 -2.04
N ILE B 151 9.29 15.05 -1.60
CA ILE B 151 8.14 14.50 -2.32
C ILE B 151 7.02 15.54 -2.47
N ALA B 152 6.98 16.48 -1.53
CA ALA B 152 6.00 17.55 -1.55
C ALA B 152 6.43 18.58 -2.60
N GLN B 153 7.60 19.18 -2.37
CA GLN B 153 8.16 20.17 -3.30
C GLN B 153 7.94 19.68 -4.72
N SER B 154 8.54 18.53 -5.03
CA SER B 154 8.45 17.90 -6.35
C SER B 154 7.04 17.86 -6.90
N ILE B 155 6.05 17.76 -6.03
CA ILE B 155 4.67 17.76 -6.51
C ILE B 155 4.29 19.22 -6.70
N GLY B 156 4.81 20.08 -5.82
CA GLY B 156 4.55 21.50 -5.92
C GLY B 156 4.92 22.04 -7.29
N GLN B 157 6.10 21.65 -7.77
CA GLN B 157 6.55 22.07 -9.10
C GLN B 157 5.65 21.50 -10.19
N ALA B 158 5.42 20.20 -10.18
CA ALA B 158 4.56 19.57 -11.17
C ALA B 158 3.18 20.26 -11.23
N PHE B 159 2.86 21.03 -10.20
CA PHE B 159 1.59 21.75 -10.14
C PHE B 159 1.74 23.03 -10.94
N SER B 160 2.89 23.66 -10.78
CA SER B 160 3.20 24.89 -11.49
C SER B 160 3.57 24.61 -12.95
N VAL B 161 4.16 23.45 -13.23
CA VAL B 161 4.52 23.12 -14.61
C VAL B 161 3.26 22.81 -15.39
N ALA B 162 2.20 22.45 -14.67
CA ALA B 162 0.92 22.15 -15.27
C ALA B 162 0.27 23.51 -15.48
N TYR B 163 0.60 24.41 -14.57
CA TYR B 163 0.08 25.78 -14.62
C TYR B 163 0.54 26.48 -15.88
N GLN B 164 1.78 26.95 -15.88
CA GLN B 164 2.35 27.64 -17.02
C GLN B 164 2.06 26.93 -18.33
N GLU B 165 2.13 25.60 -18.35
CA GLU B 165 1.88 24.86 -19.57
C GLU B 165 0.40 24.93 -19.95
N PHE B 166 -0.41 25.47 -19.04
CA PHE B 166 -1.86 25.63 -19.25
C PHE B 166 -2.15 27.08 -19.66
N LEU B 167 -1.54 28.02 -18.96
CA LEU B 167 -1.71 29.44 -19.24
C LEU B 167 -1.44 29.70 -20.72
N ARG B 168 -0.73 28.76 -21.34
CA ARG B 168 -0.40 28.85 -22.75
C ARG B 168 -1.67 28.55 -23.54
N ALA B 169 -2.76 29.18 -23.12
CA ALA B 169 -4.05 29.00 -23.77
C ALA B 169 -4.47 30.31 -24.43
N GLY C 1 2.78 0.08 27.74
CA GLY C 1 1.44 -0.07 28.38
C GLY C 1 0.30 0.39 27.49
N SER C 2 -0.93 0.33 28.00
CA SER C 2 -2.11 0.75 27.24
C SER C 2 -2.17 2.26 27.09
N GLU C 3 -1.07 2.84 26.63
CA GLU C 3 -0.95 4.27 26.44
C GLU C 3 -1.65 4.75 25.17
N ASP C 4 -2.13 3.81 24.36
CA ASP C 4 -2.80 4.13 23.10
C ASP C 4 -4.17 4.77 23.26
N LEU C 5 -5.01 4.15 24.10
CA LEU C 5 -6.35 4.67 24.32
C LEU C 5 -6.33 6.17 24.63
N ILE C 6 -5.35 6.61 25.42
CA ILE C 6 -5.25 8.02 25.77
C ILE C 6 -5.35 8.89 24.51
N ASP C 7 -4.72 8.43 23.44
CA ASP C 7 -4.76 9.17 22.18
C ASP C 7 -6.01 8.84 21.37
N GLY C 8 -6.46 7.59 21.50
CA GLY C 8 -7.64 7.16 20.80
C GLY C 8 -7.34 6.39 19.52
N ILE C 9 -7.99 5.25 19.36
CA ILE C 9 -7.82 4.43 18.17
C ILE C 9 -9.17 4.35 17.45
N ILE C 10 -9.14 4.29 16.14
CA ILE C 10 -10.37 4.26 15.36
C ILE C 10 -10.64 2.98 14.60
N PHE C 11 -11.60 2.19 15.10
CA PHE C 11 -12.01 0.94 14.46
C PHE C 11 -13.15 1.40 13.56
N ALA C 12 -13.52 0.59 12.57
CA ALA C 12 -14.60 0.99 11.69
C ALA C 12 -15.60 -0.14 11.56
N ALA C 13 -16.87 0.19 11.75
CA ALA C 13 -17.92 -0.80 11.69
C ALA C 13 -19.15 -0.20 11.06
N ASN C 14 -20.26 -0.93 11.15
CA ASN C 14 -21.53 -0.50 10.58
C ASN C 14 -22.48 0.02 11.62
N TYR C 15 -23.22 1.05 11.25
CA TYR C 15 -24.17 1.65 12.16
C TYR C 15 -25.58 1.40 11.69
N LEU C 16 -26.23 0.38 12.24
CA LEU C 16 -27.61 0.03 11.86
C LEU C 16 -28.63 1.01 12.39
N GLY C 17 -28.30 1.68 13.49
CA GLY C 17 -29.21 2.62 14.09
C GLY C 17 -29.25 2.44 15.59
N SER C 18 -30.05 3.27 16.25
CA SER C 18 -30.18 3.22 17.70
C SER C 18 -31.59 2.88 18.18
N THR C 19 -31.82 3.12 19.47
CA THR C 19 -33.09 2.88 20.15
C THR C 19 -32.93 3.30 21.61
N GLN C 20 -33.97 3.88 22.19
CA GLN C 20 -33.92 4.30 23.58
C GLN C 20 -34.70 3.35 24.47
N LEU C 21 -34.58 3.54 25.77
CA LEU C 21 -35.29 2.72 26.72
C LEU C 21 -35.18 3.27 28.13
N LEU C 22 -36.08 2.82 29.00
CA LEU C 22 -36.10 3.24 30.38
C LEU C 22 -35.35 2.19 31.19
N SER C 23 -34.37 2.66 31.96
CA SER C 23 -33.58 1.76 32.78
C SER C 23 -33.53 2.31 34.19
N GLU C 24 -32.84 1.59 35.06
CA GLU C 24 -32.71 1.98 36.45
C GLU C 24 -31.28 2.41 36.68
N ARG C 25 -31.04 3.02 37.83
CA ARG C 25 -29.71 3.48 38.18
C ARG C 25 -28.69 2.43 37.74
N ASN C 26 -29.00 1.16 38.03
CA ASN C 26 -28.11 0.06 37.67
C ASN C 26 -28.62 -1.30 38.11
N PRO C 27 -28.84 -2.20 37.15
CA PRO C 27 -29.33 -3.57 37.35
C PRO C 27 -28.29 -4.62 36.94
N SER C 28 -28.58 -5.89 37.25
CA SER C 28 -27.68 -6.99 36.93
C SER C 28 -27.32 -7.12 35.45
N LYS C 29 -26.12 -7.64 35.18
CA LYS C 29 -25.68 -7.83 33.81
C LYS C 29 -26.64 -8.79 33.14
N ASN C 30 -27.08 -9.79 33.89
CA ASN C 30 -28.00 -10.78 33.38
C ASN C 30 -29.27 -10.12 32.87
N ILE C 31 -29.52 -8.91 33.34
CA ILE C 31 -30.70 -8.19 32.92
C ILE C 31 -30.24 -6.96 32.13
N ARG C 32 -28.93 -6.72 32.11
CA ARG C 32 -28.42 -5.61 31.35
C ARG C 32 -28.44 -6.10 29.89
N MET C 33 -27.73 -7.19 29.63
CA MET C 33 -27.69 -7.75 28.27
C MET C 33 -29.10 -7.83 27.70
N MET C 34 -30.04 -8.27 28.54
CA MET C 34 -31.43 -8.40 28.14
C MET C 34 -31.89 -7.14 27.41
N GLN C 35 -31.40 -5.99 27.86
CA GLN C 35 -31.75 -4.73 27.23
C GLN C 35 -31.06 -4.57 25.87
N ALA C 36 -29.81 -5.03 25.81
CA ALA C 36 -29.03 -4.95 24.58
C ALA C 36 -29.71 -5.83 23.55
N GLN C 37 -29.81 -7.12 23.87
CA GLN C 37 -30.43 -8.07 22.96
C GLN C 37 -31.73 -7.53 22.38
N GLU C 38 -32.62 -7.03 23.24
CA GLU C 38 -33.88 -6.48 22.78
C GLU C 38 -33.61 -5.16 22.06
N ALA C 39 -32.57 -4.47 22.50
CA ALA C 39 -32.22 -3.21 21.87
C ALA C 39 -31.92 -3.44 20.39
N VAL C 40 -31.03 -4.38 20.11
CA VAL C 40 -30.66 -4.69 18.72
C VAL C 40 -31.85 -5.26 17.97
N SER C 41 -32.63 -6.12 18.62
CA SER C 41 -33.80 -6.72 17.99
C SER C 41 -34.72 -5.59 17.59
N ARG C 42 -34.79 -4.59 18.46
CA ARG C 42 -35.60 -3.43 18.15
C ARG C 42 -34.92 -2.79 16.93
N VAL C 43 -33.65 -2.41 17.03
CA VAL C 43 -32.97 -1.80 15.89
C VAL C 43 -32.96 -2.69 14.64
N LYS C 44 -32.73 -3.99 14.80
CA LYS C 44 -32.74 -4.89 13.64
C LYS C 44 -34.12 -4.91 12.98
N ARG C 45 -35.17 -5.11 13.76
CA ARG C 45 -36.51 -5.14 13.19
C ARG C 45 -36.95 -3.81 12.58
N MET C 46 -36.19 -2.75 12.84
CA MET C 46 -36.48 -1.42 12.30
C MET C 46 -35.81 -1.35 10.93
N GLN C 47 -34.65 -1.99 10.82
CA GLN C 47 -33.91 -2.03 9.55
C GLN C 47 -34.71 -2.86 8.56
N LYS C 48 -35.27 -3.98 9.00
CA LYS C 48 -36.06 -4.79 8.10
C LYS C 48 -36.97 -3.80 7.41
N ALA C 49 -37.88 -3.19 8.18
CA ALA C 49 -38.82 -2.23 7.62
C ALA C 49 -38.18 -1.03 6.95
N ALA C 50 -36.89 -0.84 7.19
CA ALA C 50 -36.17 0.28 6.60
C ALA C 50 -35.86 -0.02 5.14
N LYS C 51 -35.25 -1.19 4.91
CA LYS C 51 -34.90 -1.65 3.55
C LYS C 51 -36.20 -1.77 2.75
N ILE C 52 -37.27 -2.07 3.47
CA ILE C 52 -38.58 -2.20 2.88
C ILE C 52 -39.03 -0.85 2.32
N LYS C 53 -38.64 0.24 2.97
CA LYS C 53 -39.03 1.55 2.46
C LYS C 53 -38.22 1.83 1.21
N LYS C 54 -37.15 1.06 1.02
CA LYS C 54 -36.30 1.23 -0.15
C LYS C 54 -36.83 0.41 -1.33
N LYS C 55 -37.84 -0.42 -1.08
CA LYS C 55 -38.47 -1.17 -2.16
C LYS C 55 -39.18 -0.11 -2.98
N ALA C 56 -39.57 0.98 -2.31
CA ALA C 56 -40.24 2.12 -2.94
C ALA C 56 -39.18 3.02 -3.56
N ASN C 57 -38.10 2.40 -4.03
CA ASN C 57 -36.98 3.10 -4.63
C ASN C 57 -36.49 2.39 -5.90
N GLN C 63 -29.35 0.54 1.10
CA GLN C 63 -28.40 1.34 1.88
C GLN C 63 -29.10 2.00 3.06
N THR C 64 -29.24 1.21 4.12
CA THR C 64 -29.90 1.62 5.34
C THR C 64 -28.92 1.76 6.51
N LEU C 65 -27.82 1.01 6.45
CA LEU C 65 -26.80 1.09 7.49
C LEU C 65 -25.67 1.96 6.97
N THR C 66 -25.17 2.86 7.81
CA THR C 66 -24.10 3.75 7.38
C THR C 66 -22.73 3.35 7.94
N GLU C 67 -21.71 3.43 7.08
CA GLU C 67 -20.35 3.08 7.46
C GLU C 67 -19.79 4.15 8.38
N VAL C 68 -19.12 3.73 9.44
CA VAL C 68 -18.60 4.69 10.39
C VAL C 68 -17.28 4.30 11.04
N ASP C 69 -16.67 5.28 11.68
CA ASP C 69 -15.41 5.08 12.38
C ASP C 69 -15.68 5.20 13.86
N LEU C 70 -15.35 4.16 14.59
CA LEU C 70 -15.53 4.15 16.02
C LEU C 70 -14.28 4.72 16.65
N PHE C 71 -14.37 5.94 17.15
CA PHE C 71 -13.20 6.52 17.79
C PHE C 71 -13.26 6.28 19.29
N ILE C 72 -12.53 5.27 19.74
CA ILE C 72 -12.49 4.96 21.16
C ILE C 72 -11.37 5.79 21.75
N SER C 73 -11.43 6.06 23.05
CA SER C 73 -10.39 6.82 23.72
C SER C 73 -10.61 6.79 25.23
N THR C 74 -9.69 7.40 25.96
CA THR C 74 -9.78 7.45 27.41
C THR C 74 -10.85 8.42 27.86
N GLN C 75 -10.99 9.53 27.14
CA GLN C 75 -11.93 10.57 27.49
C GLN C 75 -13.31 10.51 26.85
N ARG C 76 -13.41 9.93 25.67
CA ARG C 76 -14.71 9.87 25.00
C ARG C 76 -14.79 8.74 23.97
N ILE C 77 -15.94 8.66 23.31
CA ILE C 77 -16.18 7.67 22.26
C ILE C 77 -17.00 8.32 21.15
N LYS C 78 -16.34 8.60 20.01
CA LYS C 78 -16.99 9.24 18.86
C LYS C 78 -17.38 8.23 17.79
N VAL C 79 -18.37 8.59 16.98
CA VAL C 79 -18.78 7.73 15.89
C VAL C 79 -19.01 8.66 14.73
N LEU C 80 -17.94 8.94 13.99
CA LEU C 80 -18.01 9.82 12.85
C LEU C 80 -18.33 9.00 11.61
N ASN C 81 -19.28 9.46 10.81
CA ASN C 81 -19.63 8.77 9.58
C ASN C 81 -18.35 8.50 8.84
N ALA C 82 -18.13 7.24 8.47
CA ALA C 82 -16.92 6.88 7.78
C ALA C 82 -16.71 7.55 6.40
N ASP C 83 -17.79 7.93 5.72
CA ASP C 83 -17.65 8.55 4.41
C ASP C 83 -17.40 10.05 4.37
N THR C 84 -17.86 10.77 5.38
CA THR C 84 -17.65 12.22 5.43
C THR C 84 -16.85 12.58 6.67
N GLN C 85 -16.88 11.69 7.65
CA GLN C 85 -16.19 11.84 8.92
C GLN C 85 -16.97 12.73 9.89
N GLU C 86 -18.16 13.15 9.49
CA GLU C 86 -19.00 13.97 10.36
C GLU C 86 -19.43 13.12 11.57
N THR C 87 -19.45 13.74 12.74
CA THR C 87 -19.81 13.08 13.98
C THR C 87 -21.31 12.83 14.08
N MET C 88 -21.68 11.59 14.32
CA MET C 88 -23.10 11.22 14.43
C MET C 88 -23.42 10.91 15.88
N MET C 89 -22.36 10.72 16.66
CA MET C 89 -22.46 10.42 18.09
C MET C 89 -21.21 10.99 18.76
N ASP C 90 -21.31 11.30 20.04
CA ASP C 90 -20.18 11.84 20.77
C ASP C 90 -20.50 11.72 22.26
N HIS C 91 -19.90 10.72 22.91
CA HIS C 91 -20.16 10.49 24.33
C HIS C 91 -18.93 10.60 25.24
N ALA C 92 -19.04 11.34 26.34
CA ALA C 92 -17.95 11.44 27.28
C ALA C 92 -17.88 10.01 27.80
N LEU C 93 -16.71 9.37 27.74
CA LEU C 93 -16.58 7.98 28.18
C LEU C 93 -17.27 7.66 29.51
N ARG C 94 -17.68 8.69 30.25
CA ARG C 94 -18.35 8.44 31.51
C ARG C 94 -19.83 8.19 31.24
N THR C 95 -20.40 8.94 30.29
CA THR C 95 -21.83 8.81 29.95
C THR C 95 -22.17 7.39 29.50
N ILE C 96 -21.17 6.67 29.01
CA ILE C 96 -21.39 5.30 28.57
C ILE C 96 -21.46 4.44 29.83
N SER C 97 -22.30 3.43 29.81
CA SER C 97 -22.46 2.55 30.95
C SER C 97 -22.63 1.12 30.53
N TYR C 98 -22.27 0.82 29.27
CA TYR C 98 -22.40 -0.54 28.79
C TYR C 98 -21.87 -0.86 27.37
N ILE C 99 -21.25 -2.03 27.25
CA ILE C 99 -20.71 -2.52 25.99
C ILE C 99 -21.05 -4.01 25.79
N ALA C 100 -21.24 -4.43 24.54
CA ALA C 100 -21.59 -5.82 24.23
C ALA C 100 -20.93 -6.34 22.96
N ASP C 101 -20.01 -7.30 23.15
CA ASP C 101 -19.30 -7.91 22.05
C ASP C 101 -20.02 -9.20 21.67
N ILE C 102 -21.35 -9.11 21.54
CA ILE C 102 -22.16 -10.28 21.21
C ILE C 102 -22.31 -10.51 19.69
N GLY C 103 -21.46 -11.39 19.16
CA GLY C 103 -21.47 -11.67 17.73
C GLY C 103 -20.66 -10.61 17.04
N ASN C 104 -20.98 -10.32 15.77
CA ASN C 104 -20.29 -9.30 15.01
C ASN C 104 -21.12 -8.04 15.21
N ILE C 105 -21.90 -8.06 16.29
CA ILE C 105 -22.77 -6.94 16.67
C ILE C 105 -22.31 -6.24 17.93
N VAL C 106 -22.06 -4.94 17.82
CA VAL C 106 -21.61 -4.20 18.99
C VAL C 106 -22.68 -3.21 19.43
N VAL C 107 -23.03 -3.29 20.70
CA VAL C 107 -24.05 -2.41 21.27
C VAL C 107 -23.49 -1.67 22.48
N LEU C 108 -23.69 -0.36 22.50
CA LEU C 108 -23.25 0.40 23.65
C LEU C 108 -24.43 1.31 23.93
N MET C 109 -24.62 1.64 25.20
CA MET C 109 -25.73 2.50 25.59
C MET C 109 -25.22 3.54 26.56
N ALA C 110 -25.69 4.77 26.38
CA ALA C 110 -25.31 5.87 27.24
C ALA C 110 -26.54 6.25 28.04
N ARG C 111 -26.35 7.09 29.05
CA ARG C 111 -27.46 7.55 29.87
C ARG C 111 -27.84 8.97 29.40
N ARG C 112 -28.55 9.04 28.28
CA ARG C 112 -28.99 10.30 27.69
C ARG C 112 -29.17 11.42 28.71
N LYS C 134 -35.37 4.60 39.14
CA LYS C 134 -36.19 4.62 37.93
C LYS C 134 -36.19 6.02 37.29
N GLN C 135 -36.60 6.05 36.02
CA GLN C 135 -36.68 7.27 35.20
C GLN C 135 -35.40 7.60 34.42
N TYR C 136 -34.54 6.60 34.23
CA TYR C 136 -33.30 6.79 33.49
C TYR C 136 -33.51 6.42 32.04
N LYS C 137 -33.52 7.43 31.16
CA LYS C 137 -33.74 7.23 29.72
C LYS C 137 -32.44 6.92 28.99
N MET C 138 -32.19 5.64 28.73
CA MET C 138 -30.97 5.20 28.05
C MET C 138 -31.08 5.25 26.52
N ILE C 139 -29.95 5.00 25.85
CA ILE C 139 -29.88 5.02 24.38
C ILE C 139 -28.88 3.96 23.89
N CYS C 140 -29.31 3.06 23.01
CA CYS C 140 -28.43 2.01 22.51
C CYS C 140 -28.02 2.14 21.06
N HIS C 141 -26.73 2.38 20.82
CA HIS C 141 -26.23 2.50 19.46
C HIS C 141 -25.82 1.11 19.05
N VAL C 142 -26.45 0.64 17.98
CA VAL C 142 -26.18 -0.68 17.49
C VAL C 142 -25.22 -0.67 16.33
N PHE C 143 -24.34 -1.65 16.33
CA PHE C 143 -23.34 -1.76 15.30
C PHE C 143 -23.09 -3.20 14.93
N GLU C 144 -22.36 -3.34 13.84
CA GLU C 144 -22.01 -4.63 13.32
C GLU C 144 -20.57 -4.45 12.92
N SER C 145 -19.71 -5.38 13.30
CA SER C 145 -18.30 -5.26 12.93
C SER C 145 -17.58 -6.60 12.98
N GLU C 146 -16.76 -6.86 11.97
CA GLU C 146 -16.02 -8.12 11.89
C GLU C 146 -15.14 -8.29 13.12
N ASP C 147 -14.76 -7.18 13.73
CA ASP C 147 -13.92 -7.19 14.93
C ASP C 147 -14.70 -6.65 16.13
N ALA C 148 -15.95 -7.11 16.26
CA ALA C 148 -16.79 -6.68 17.35
C ALA C 148 -16.16 -6.98 18.69
N GLN C 149 -15.61 -8.18 18.83
CA GLN C 149 -15.00 -8.55 20.10
C GLN C 149 -13.94 -7.56 20.55
N LEU C 150 -13.04 -7.22 19.64
CA LEU C 150 -11.94 -6.31 19.95
C LEU C 150 -12.42 -4.88 20.22
N ILE C 151 -13.43 -4.44 19.47
CA ILE C 151 -13.98 -3.09 19.62
C ILE C 151 -14.52 -2.88 21.02
N ALA C 152 -15.17 -3.90 21.57
CA ALA C 152 -15.73 -3.78 22.91
C ALA C 152 -14.63 -3.82 23.99
N GLN C 153 -13.76 -4.83 23.91
CA GLN C 153 -12.69 -5.00 24.87
C GLN C 153 -11.87 -3.74 25.11
N SER C 154 -11.51 -3.08 24.02
CA SER C 154 -10.71 -1.87 24.08
C SER C 154 -11.50 -0.70 24.64
N ILE C 155 -12.83 -0.85 24.65
CA ILE C 155 -13.70 0.18 25.19
C ILE C 155 -13.63 0.03 26.70
N GLY C 156 -13.82 -1.19 27.17
CA GLY C 156 -13.75 -1.46 28.59
C GLY C 156 -12.38 -1.07 29.13
N GLN C 157 -11.37 -1.24 28.28
CA GLN C 157 -10.01 -0.91 28.65
C GLN C 157 -9.92 0.59 28.90
N ALA C 158 -10.53 1.37 28.03
CA ALA C 158 -10.51 2.81 28.19
C ALA C 158 -11.21 3.18 29.47
N PHE C 159 -12.04 2.28 29.98
CA PHE C 159 -12.73 2.54 31.24
C PHE C 159 -11.72 2.46 32.36
N SER C 160 -11.01 1.34 32.41
CA SER C 160 -9.99 1.15 33.43
C SER C 160 -9.10 2.39 33.38
N VAL C 161 -8.46 2.60 32.23
CA VAL C 161 -7.57 3.74 32.04
C VAL C 161 -8.30 5.04 32.40
N ALA C 162 -9.62 4.95 32.51
CA ALA C 162 -10.42 6.11 32.86
C ALA C 162 -10.62 6.20 34.37
N TYR C 163 -11.11 5.13 34.97
CA TYR C 163 -11.35 5.11 36.42
C TYR C 163 -10.03 5.31 37.14
N GLN C 164 -9.08 4.41 36.89
CA GLN C 164 -7.78 4.47 37.51
C GLN C 164 -7.18 5.89 37.43
N GLU C 165 -7.41 6.56 36.30
CA GLU C 165 -6.90 7.91 36.10
C GLU C 165 -7.73 8.90 36.93
N PHE C 166 -8.27 8.42 38.04
CA PHE C 166 -9.10 9.26 38.90
C PHE C 166 -8.31 10.16 39.84
N LEU C 167 -8.06 9.69 41.06
CA LEU C 167 -7.34 10.46 42.05
C LEU C 167 -6.65 9.58 43.08
N ARG C 168 -6.35 10.17 44.23
CA ARG C 168 -5.67 9.48 45.33
C ARG C 168 -6.20 8.07 45.60
N ALA C 169 -5.40 7.07 45.24
CA ALA C 169 -5.78 5.67 45.45
C ALA C 169 -4.58 4.74 45.39
N ILE C 172 -6.12 0.07 49.97
CA ILE C 172 -5.37 0.26 48.74
C ILE C 172 -5.31 -1.04 47.94
N ASN C 173 -4.16 -1.31 47.33
CA ASN C 173 -3.98 -2.52 46.54
C ASN C 173 -3.98 -3.77 47.43
N PRO C 174 -4.22 -4.93 46.83
CA PRO C 174 -4.26 -6.20 47.56
C PRO C 174 -2.92 -6.48 48.23
N GLU C 175 -2.78 -7.65 48.82
CA GLU C 175 -1.54 -8.02 49.51
C GLU C 175 -0.58 -8.85 48.65
N ASP C 176 -1.08 -9.95 48.09
CA ASP C 176 -0.30 -10.84 47.24
C ASP C 176 0.73 -11.71 47.97
N LEU C 177 1.95 -11.79 47.44
CA LEU C 177 3.03 -12.60 47.99
C LEU C 177 3.49 -12.21 49.40
N SER C 178 2.97 -11.08 49.91
CA SER C 178 3.31 -10.61 51.25
C SER C 178 2.06 -10.66 52.14
N GLN D 1 16.50 -4.26 -29.31
CA GLN D 1 15.13 -4.71 -28.93
C GLN D 1 15.01 -6.23 -28.97
N ASN D 2 16.03 -6.90 -28.45
CA ASN D 2 16.07 -8.35 -28.42
C ASN D 2 16.01 -8.91 -26.99
N GLY D 3 15.16 -9.91 -26.79
CA GLY D 3 15.02 -10.54 -25.49
C GLY D 3 14.99 -12.03 -25.66
N TYR D 4 15.72 -12.77 -24.82
CA TYR D 4 15.77 -14.22 -24.91
C TYR D 4 15.16 -14.88 -23.67
N GLU D 5 14.54 -16.03 -23.84
CA GLU D 5 13.92 -16.73 -22.71
C GLU D 5 14.76 -17.93 -22.33
N ASN D 6 14.72 -18.33 -21.05
CA ASN D 6 15.52 -19.49 -20.65
C ASN D 6 14.70 -20.75 -20.88
N PRO D 7 15.12 -21.57 -21.85
CA PRO D 7 14.41 -22.81 -22.17
C PRO D 7 14.29 -23.55 -20.86
N THR D 8 15.39 -23.53 -20.09
CA THR D 8 15.45 -24.20 -18.80
C THR D 8 14.42 -23.64 -17.82
N TYR D 9 14.28 -22.32 -17.77
CA TYR D 9 13.31 -21.72 -16.86
C TYR D 9 11.92 -22.11 -17.35
N LYS D 10 11.50 -21.49 -18.46
CA LYS D 10 10.20 -21.73 -19.09
C LYS D 10 9.95 -23.23 -19.27
N PHE D 11 10.68 -24.03 -18.51
CA PHE D 11 10.55 -25.47 -18.56
C PHE D 11 10.09 -26.01 -17.20
N PHE D 12 11.05 -26.48 -16.41
CA PHE D 12 10.75 -27.03 -15.10
C PHE D 12 9.97 -26.00 -14.28
N GLU D 13 10.41 -24.76 -14.35
CA GLU D 13 9.80 -23.66 -13.61
C GLU D 13 8.32 -23.45 -13.94
N GLN D 14 8.06 -22.80 -15.07
CA GLN D 14 6.69 -22.54 -15.48
C GLN D 14 6.18 -23.71 -16.32
N ASN E 2 4.47 22.58 6.37
CA ASN E 2 4.20 23.41 5.15
C ASN E 2 3.22 22.70 4.20
N GLY E 3 2.89 23.35 3.08
CA GLY E 3 1.97 22.77 2.12
C GLY E 3 1.79 23.57 0.83
N TYR E 4 1.31 22.89 -0.22
CA TYR E 4 1.07 23.51 -1.53
C TYR E 4 -0.36 23.32 -2.02
N GLU E 5 -0.80 24.19 -2.91
CA GLU E 5 -2.13 24.11 -3.50
C GLU E 5 -1.90 23.97 -4.99
N ASN E 6 -2.85 23.41 -5.72
CA ASN E 6 -2.70 23.23 -7.16
C ASN E 6 -3.28 24.39 -7.97
N PRO E 7 -2.40 25.18 -8.61
CA PRO E 7 -2.83 26.33 -9.43
C PRO E 7 -3.62 25.95 -10.69
N THR E 8 -4.44 24.90 -10.62
CA THR E 8 -5.25 24.46 -11.75
C THR E 8 -6.61 23.96 -11.28
N TYR E 9 -6.74 23.75 -9.98
CA TYR E 9 -7.99 23.27 -9.39
C TYR E 9 -8.97 24.43 -9.35
N LYS E 10 -8.80 25.38 -10.28
CA LYS E 10 -9.68 26.53 -10.37
C LYS E 10 -11.11 26.08 -10.64
N PHE E 11 -11.25 25.00 -11.39
CA PHE E 11 -12.57 24.46 -11.73
C PHE E 11 -12.72 23.06 -11.12
N PHE E 12 -13.76 22.34 -11.54
CA PHE E 12 -14.02 20.98 -11.03
C PHE E 12 -14.35 21.05 -9.53
N GLY F 3 -19.34 -3.65 30.67
CA GLY F 3 -19.87 -2.54 31.52
C GLY F 3 -18.90 -1.37 31.51
N TYR F 4 -19.37 -0.24 32.02
CA TYR F 4 -18.56 0.99 32.09
C TYR F 4 -18.14 1.28 33.53
N GLU F 5 -18.50 0.38 34.43
CA GLU F 5 -18.19 0.47 35.85
C GLU F 5 -17.51 1.79 36.26
#